data_6V9T
#
_entry.id   6V9T
#
_cell.length_a   83.855
_cell.length_b   83.855
_cell.length_c   114.045
_cell.angle_alpha   90.000
_cell.angle_beta   90.000
_cell.angle_gamma   120.000
#
_symmetry.space_group_name_H-M   'H 3 2'
#
loop_
_entity.id
_entity.type
_entity.pdbx_description
1 polymer 'Tudor domain-containing protein 3'
2 non-polymer 4-methyl-2,3,4,5,6,7-hexahydrodicyclopenta[b,e]pyridin-8(1H)-imine
3 non-polymer 'UNKNOWN ATOM OR ION'
4 water water
#
_entity_poly.entity_id   1
_entity_poly.type   'polypeptide(L)'
_entity_poly.pdbx_seq_one_letter_code
;MHHHHHHSSGRENLYFQGKMWKPGDECFALYWEDNKFYRAEVEALHSSGMTAVVKFIDYGNYEEVLLSNIKPIQTE
;
_entity_poly.pdbx_strand_id   AAA,BBB
#
# COMPACT_ATOMS: atom_id res chain seq x y z
N LYS A 19 -9.88 -11.25 5.34
CA LYS A 19 -9.53 -11.75 3.95
C LYS A 19 -8.00 -12.03 3.81
N MET A 20 -7.70 -13.34 3.72
CA MET A 20 -6.38 -14.00 3.96
C MET A 20 -5.83 -14.56 2.64
N TRP A 21 -5.32 -13.61 1.86
CA TRP A 21 -4.91 -13.79 0.47
C TRP A 21 -3.68 -14.68 0.41
N LYS A 22 -3.67 -15.58 -0.57
CA LYS A 22 -2.59 -16.53 -0.88
C LYS A 22 -2.05 -16.24 -2.26
N PRO A 23 -0.75 -16.45 -2.50
CA PRO A 23 -0.20 -16.43 -3.85
C PRO A 23 -0.99 -17.36 -4.78
N GLY A 24 -1.41 -16.86 -5.93
CA GLY A 24 -2.17 -17.65 -6.93
C GLY A 24 -3.65 -17.29 -6.88
N ASP A 25 -4.13 -16.58 -5.85
CA ASP A 25 -5.57 -16.21 -5.73
C ASP A 25 -5.91 -15.20 -6.83
N GLU A 26 -6.96 -15.50 -7.60
CA GLU A 26 -7.68 -14.62 -8.58
C GLU A 26 -8.29 -13.49 -7.76
N CYS A 27 -8.26 -12.26 -8.28
CA CYS A 27 -8.83 -11.08 -7.62
C CYS A 27 -9.13 -10.02 -8.68
N PHE A 28 -9.82 -8.93 -8.31
CA PHE A 28 -9.77 -7.64 -9.04
C PHE A 28 -8.95 -6.67 -8.20
N ALA A 29 -8.01 -5.97 -8.81
CA ALA A 29 -7.10 -5.09 -8.07
C ALA A 29 -7.16 -3.72 -8.74
N LEU A 30 -7.12 -2.65 -7.97
CA LEU A 30 -7.08 -1.26 -8.50
C LEU A 30 -5.75 -1.03 -9.20
N TYR A 31 -5.78 -0.53 -10.46
CA TYR A 31 -4.57 -0.12 -11.21
C TYR A 31 -4.30 1.37 -10.98
N TRP A 32 -3.13 1.69 -10.45
CA TRP A 32 -2.88 3.06 -9.92
C TRP A 32 -2.98 4.03 -11.08
N GLU A 33 -2.61 3.61 -12.26
CA GLU A 33 -2.36 4.54 -13.38
C GLU A 33 -3.67 5.11 -13.96
N ASP A 34 -4.78 4.36 -13.95
CA ASP A 34 -6.10 4.87 -14.41
C ASP A 34 -7.17 4.72 -13.35
N ASN A 35 -6.86 4.26 -12.11
CA ASN A 35 -7.79 4.11 -10.96
C ASN A 35 -9.01 3.28 -11.42
N LYS A 36 -8.80 2.23 -12.21
CA LYS A 36 -9.82 1.22 -12.64
C LYS A 36 -9.34 -0.16 -12.15
N PHE A 37 -10.27 -1.08 -11.92
CA PHE A 37 -10.04 -2.45 -11.40
C PHE A 37 -9.91 -3.42 -12.55
N TYR A 38 -8.97 -4.33 -12.49
CA TYR A 38 -8.77 -5.40 -13.48
C TYR A 38 -8.40 -6.72 -12.76
N ARG A 39 -8.70 -7.81 -13.45
CA ARG A 39 -8.41 -9.24 -13.14
C ARG A 39 -6.92 -9.32 -12.80
N ALA A 40 -6.58 -9.92 -11.68
CA ALA A 40 -5.18 -9.98 -11.27
C ALA A 40 -4.96 -11.28 -10.55
N GLU A 41 -3.72 -11.59 -10.28
CA GLU A 41 -3.43 -12.74 -9.42
C GLU A 41 -2.52 -12.27 -8.31
N VAL A 42 -2.74 -12.76 -7.10
CA VAL A 42 -1.84 -12.40 -5.98
C VAL A 42 -0.51 -13.09 -6.18
N GLU A 43 0.58 -12.34 -6.09
CA GLU A 43 1.95 -12.94 -6.22
C GLU A 43 2.58 -13.07 -4.85
N ALA A 44 2.46 -12.03 -4.04
CA ALA A 44 3.09 -12.05 -2.69
C ALA A 44 2.35 -11.11 -1.76
N LEU A 45 2.16 -11.59 -0.56
CA LEU A 45 1.50 -10.80 0.49
C LEU A 45 2.66 -10.12 1.22
N HIS A 46 2.67 -8.82 1.46
CA HIS A 46 3.75 -8.15 2.21
CA HIS A 46 3.87 -8.30 2.16
C HIS A 46 3.77 -8.64 3.68
N SER A 47 4.93 -8.71 4.31
CA SER A 47 5.08 -9.02 5.74
C SER A 47 4.17 -8.12 6.63
N SER A 48 3.89 -6.86 6.26
CA SER A 48 2.95 -5.97 6.98
C SER A 48 1.54 -6.60 7.11
N GLY A 49 1.07 -7.33 6.09
CA GLY A 49 -0.35 -7.70 5.94
C GLY A 49 -1.14 -6.62 5.22
N MET A 50 -0.55 -5.48 4.85
CA MET A 50 -1.33 -4.28 4.47
C MET A 50 -1.27 -4.11 2.97
N THR A 51 -0.30 -4.73 2.31
CA THR A 51 -0.16 -4.63 0.85
C THR A 51 0.09 -6.03 0.28
N ALA A 52 -0.05 -6.11 -1.04
CA ALA A 52 0.25 -7.33 -1.80
C ALA A 52 0.83 -6.90 -3.13
N VAL A 53 1.74 -7.71 -3.63
CA VAL A 53 2.09 -7.69 -5.06
C VAL A 53 1.07 -8.52 -5.84
N VAL A 54 0.50 -7.95 -6.90
CA VAL A 54 -0.43 -8.66 -7.82
C VAL A 54 0.13 -8.53 -9.24
N LYS A 55 -0.22 -9.51 -10.08
CA LYS A 55 0.06 -9.58 -11.51
C LYS A 55 -1.27 -9.35 -12.23
N PHE A 56 -1.36 -8.28 -13.03
CA PHE A 56 -2.54 -8.05 -13.90
C PHE A 56 -2.48 -9.13 -14.98
N ILE A 57 -3.46 -10.03 -14.92
CA ILE A 57 -3.49 -11.29 -15.73
C ILE A 57 -3.32 -10.93 -17.22
N ASP A 58 -3.92 -9.83 -17.70
CA ASP A 58 -4.02 -9.65 -19.19
C ASP A 58 -2.87 -8.78 -19.74
N TYR A 59 -2.10 -8.17 -18.87
CA TYR A 59 -1.03 -7.22 -19.22
C TYR A 59 0.33 -7.72 -18.72
N GLY A 60 0.42 -8.50 -17.63
CA GLY A 60 1.67 -9.08 -17.14
C GLY A 60 2.52 -8.12 -16.29
N ASN A 61 2.05 -6.92 -15.95
CA ASN A 61 2.81 -6.00 -15.05
C ASN A 61 2.51 -6.43 -13.62
N TYR A 62 3.51 -6.25 -12.74
CA TYR A 62 3.42 -6.49 -11.27
C TYR A 62 3.28 -5.14 -10.55
N GLU A 63 2.28 -4.98 -9.67
CA GLU A 63 2.10 -3.75 -8.90
C GLU A 63 1.91 -4.09 -7.41
N GLU A 64 2.41 -3.21 -6.56
CA GLU A 64 2.03 -3.21 -5.14
C GLU A 64 0.69 -2.49 -4.95
N VAL A 65 -0.26 -3.19 -4.33
CA VAL A 65 -1.64 -2.68 -4.09
C VAL A 65 -1.97 -2.80 -2.59
N LEU A 66 -2.60 -1.80 -1.99
CA LEU A 66 -3.23 -1.96 -0.65
C LEU A 66 -4.27 -3.10 -0.67
N LEU A 67 -4.28 -3.96 0.35
CA LEU A 67 -5.32 -4.99 0.46
C LEU A 67 -6.70 -4.33 0.37
N SER A 68 -6.85 -3.07 0.82
CA SER A 68 -8.17 -2.42 0.80
C SER A 68 -8.57 -2.17 -0.66
N ASN A 69 -7.60 -2.23 -1.60
CA ASN A 69 -7.90 -2.12 -3.04
C ASN A 69 -7.82 -3.44 -3.81
N ILE A 70 -8.08 -4.57 -3.15
CA ILE A 70 -8.13 -5.91 -3.82
C ILE A 70 -9.47 -6.57 -3.45
N LYS A 71 -10.29 -6.95 -4.43
CA LYS A 71 -11.67 -7.49 -4.28
C LYS A 71 -11.75 -8.94 -4.80
N PRO A 72 -12.48 -9.83 -4.08
CA PRO A 72 -12.78 -11.17 -4.63
C PRO A 72 -13.65 -11.18 -6.01
N ILE A 73 -13.49 -12.22 -6.74
CA ILE A 73 -14.21 -12.51 -8.05
C ILE A 73 -15.59 -13.18 -7.69
N GLN A 74 -16.62 -13.11 -8.60
CA GLN A 74 -17.96 -13.86 -8.60
N MET B 20 -4.10 10.67 17.39
CA MET B 20 -4.06 9.28 16.90
C MET B 20 -4.10 9.30 15.35
N TRP B 21 -3.12 8.76 14.65
CA TRP B 21 -3.15 8.77 13.17
C TRP B 21 -4.38 8.01 12.64
N LYS B 22 -4.87 8.46 11.48
CA LYS B 22 -6.04 7.87 10.78
C LYS B 22 -5.78 7.87 9.27
N PRO B 23 -6.25 6.86 8.52
CA PRO B 23 -6.15 6.90 7.06
C PRO B 23 -6.65 8.22 6.46
N GLY B 24 -5.89 8.77 5.51
CA GLY B 24 -6.16 10.10 4.91
C GLY B 24 -5.44 11.23 5.60
N ASP B 25 -4.82 11.01 6.76
CA ASP B 25 -3.99 12.05 7.44
C ASP B 25 -2.71 12.33 6.64
N GLU B 26 -2.39 13.59 6.42
CA GLU B 26 -1.13 14.03 5.78
C GLU B 26 -0.05 13.96 6.88
N CYS B 27 1.18 13.55 6.54
CA CYS B 27 2.34 13.45 7.45
C CYS B 27 3.62 13.70 6.68
N PHE B 28 4.74 13.79 7.39
CA PHE B 28 6.11 13.78 6.84
C PHE B 28 6.65 12.41 7.18
N ALA B 29 7.24 11.70 6.22
CA ALA B 29 7.86 10.39 6.48
C ALA B 29 9.23 10.34 5.81
N LEU B 30 10.13 9.64 6.45
CA LEU B 30 11.53 9.46 6.05
C LEU B 30 11.58 8.63 4.75
N TYR B 31 12.25 9.11 3.70
CA TYR B 31 12.61 8.32 2.50
C TYR B 31 14.03 7.77 2.71
N TRP B 32 14.21 6.46 2.48
CA TRP B 32 15.40 5.60 2.82
C TRP B 32 16.62 6.01 2.00
N GLU B 33 16.42 6.43 0.76
CA GLU B 33 17.57 6.61 -0.15
C GLU B 33 18.39 7.77 0.39
N ASP B 34 17.74 8.90 0.74
CA ASP B 34 18.44 10.16 1.14
C ASP B 34 18.20 10.49 2.62
N ASN B 35 17.41 9.68 3.31
CA ASN B 35 17.14 9.83 4.77
C ASN B 35 16.61 11.26 5.06
N LYS B 36 15.79 11.82 4.17
CA LYS B 36 15.11 13.12 4.35
C LYS B 36 13.62 12.83 4.49
N PHE B 37 12.88 13.76 5.11
CA PHE B 37 11.41 13.70 5.35
C PHE B 37 10.66 14.27 4.15
N TYR B 38 9.59 13.62 3.74
CA TYR B 38 8.74 14.07 2.59
C TYR B 38 7.25 13.89 2.92
N ARG B 39 6.42 14.65 2.23
CA ARG B 39 4.95 14.69 2.48
C ARG B 39 4.40 13.32 2.05
N ALA B 40 3.65 12.65 2.90
CA ALA B 40 3.03 11.39 2.57
C ALA B 40 1.63 11.46 3.17
N GLU B 41 0.85 10.45 2.86
CA GLU B 41 -0.53 10.33 3.29
C GLU B 41 -0.61 8.97 3.93
N VAL B 42 -1.27 8.90 5.07
CA VAL B 42 -1.44 7.58 5.72
C VAL B 42 -2.52 6.85 4.93
N GLU B 43 -2.29 5.58 4.61
CA GLU B 43 -3.18 4.74 3.77
C GLU B 43 -3.71 3.62 4.63
N ALA B 44 -2.93 3.09 5.53
CA ALA B 44 -3.44 1.96 6.34
C ALA B 44 -2.71 1.90 7.67
N LEU B 45 -3.39 1.45 8.71
CA LEU B 45 -2.74 1.24 10.03
C LEU B 45 -2.81 -0.24 10.35
N HIS B 46 -1.71 -0.73 10.85
CA HIS B 46 -1.56 -2.13 11.29
C HIS B 46 -2.39 -2.32 12.56
N SER B 47 -2.96 -3.48 12.73
CA SER B 47 -3.81 -3.83 13.89
C SER B 47 -2.98 -3.68 15.18
N SER B 48 -1.66 -3.87 15.12
CA SER B 48 -0.75 -3.76 16.29
C SER B 48 -0.67 -2.32 16.84
N GLY B 49 -0.99 -1.30 16.05
CA GLY B 49 -0.76 0.08 16.48
C GLY B 49 0.68 0.52 16.23
N MET B 50 1.56 -0.29 15.64
CA MET B 50 3.02 0.00 15.58
C MET B 50 3.42 0.59 14.24
N THR B 51 2.79 0.16 13.15
CA THR B 51 3.18 0.56 11.77
C THR B 51 2.01 1.08 10.96
N ALA B 52 2.33 1.82 9.92
CA ALA B 52 1.38 2.32 8.91
C ALA B 52 1.96 2.05 7.53
N VAL B 53 1.11 2.01 6.54
CA VAL B 53 1.56 2.19 5.16
C VAL B 53 1.26 3.64 4.83
N VAL B 54 2.29 4.34 4.37
CA VAL B 54 2.09 5.69 3.78
C VAL B 54 2.36 5.63 2.27
N LYS B 55 1.81 6.61 1.56
CA LYS B 55 2.04 6.91 0.14
C LYS B 55 2.68 8.28 0.08
N PHE B 56 3.88 8.39 -0.50
CA PHE B 56 4.48 9.72 -0.75
C PHE B 56 3.68 10.51 -1.78
N ILE B 57 3.30 11.73 -1.41
CA ILE B 57 2.32 12.56 -2.18
C ILE B 57 2.90 12.78 -3.57
N ASP B 58 4.18 13.06 -3.69
CA ASP B 58 4.58 13.59 -5.02
C ASP B 58 5.02 12.41 -5.93
N TYR B 59 5.08 11.17 -5.43
CA TYR B 59 5.84 10.05 -6.04
C TYR B 59 4.94 8.82 -6.24
N GLY B 60 4.15 8.49 -5.23
CA GLY B 60 3.05 7.52 -5.32
C GLY B 60 3.44 6.15 -4.81
N ASN B 61 4.68 5.98 -4.36
CA ASN B 61 5.11 4.67 -3.79
C ASN B 61 4.50 4.55 -2.38
N TYR B 62 4.13 3.32 -2.02
CA TYR B 62 3.75 2.87 -0.66
C TYR B 62 5.01 2.48 0.11
N GLU B 63 5.09 2.83 1.41
CA GLU B 63 6.19 2.40 2.30
C GLU B 63 5.57 2.04 3.63
N GLU B 64 6.01 0.95 4.24
CA GLU B 64 5.68 0.63 5.63
C GLU B 64 6.62 1.43 6.51
N VAL B 65 6.08 2.14 7.50
CA VAL B 65 6.88 2.92 8.47
C VAL B 65 6.38 2.66 9.90
N LEU B 66 7.28 2.68 10.89
CA LEU B 66 6.90 2.78 12.31
C LEU B 66 6.18 4.12 12.55
N LEU B 67 5.02 4.11 13.22
CA LEU B 67 4.22 5.30 13.56
C LEU B 67 5.12 6.32 14.27
N SER B 68 6.09 5.88 15.03
CA SER B 68 7.01 6.73 15.79
C SER B 68 7.89 7.53 14.81
N ASN B 69 7.93 7.22 13.53
CA ASN B 69 8.93 7.79 12.57
C ASN B 69 8.25 8.68 11.52
N ILE B 70 7.00 9.02 11.76
CA ILE B 70 6.25 9.99 10.93
C ILE B 70 5.89 11.18 11.85
N LYS B 71 5.84 12.38 11.29
CA LYS B 71 5.66 13.67 11.99
C LYS B 71 4.39 14.32 11.42
N PRO B 72 3.59 14.98 12.26
CA PRO B 72 2.48 15.79 11.77
C PRO B 72 3.04 16.86 10.82
N ILE B 73 2.17 17.48 10.01
CA ILE B 73 2.41 18.80 9.34
C ILE B 73 2.05 19.94 10.32
N GLN B 74 2.75 21.09 10.33
CA GLN B 74 2.39 22.31 11.13
#